data_9G7C
#
_entry.id   9G7C
#
_entity_poly.entity_id   1
_entity_poly.type   'polyribonucleotide'
_entity_poly.pdbx_seq_one_letter_code
;GGGAGUCGGGUCUGUGGUUGAAAGUCGAUGCCAGUCGCAGGCGAAACGAUCCACAUAAGCGGGGCAAAGUUCCCGUGAGC
AUGGUGCGGCUUAGAUGUAAGUCCUGUCGUGCGGCAUUCCGAAUCGAAUGCGGUGCGAGAGUGGCAGUAGUGGGCGGCGU
AAAGCUCAGUAGCGAACCCACCGACAGGCGAGUGUGGGGGCAAAAACCAGGUCAGCCGACUCCA
;
_entity_poly.pdbx_strand_id   A
#
loop_
_chem_comp.id
_chem_comp.type
_chem_comp.name
_chem_comp.formula
A RNA linking ADENOSINE-5'-MONOPHOSPHATE 'C10 H14 N5 O7 P'
C RNA linking CYTIDINE-5'-MONOPHOSPHATE 'C9 H14 N3 O8 P'
G RNA linking GUANOSINE-5'-MONOPHOSPHATE 'C10 H14 N5 O8 P'
U RNA linking URIDINE-5'-MONOPHOSPHATE 'C9 H13 N2 O9 P'
#